data_1RDI
#
_entry.id   1RDI
#
_cell.length_a   60.700
_cell.length_b   75.100
_cell.length_c   57.300
_cell.angle_alpha   90.00
_cell.angle_beta   90.00
_cell.angle_gamma   90.00
#
_symmetry.space_group_name_H-M   'P 21 21 21'
#
loop_
_entity.id
_entity.type
_entity.pdbx_description
1 polymer 'MANNOSE-BINDING PROTEIN-C'
2 non-polymer 'methyl alpha-L-fucopyranoside'
3 non-polymer 'CALCIUM ION'
4 non-polymer 'CHLORIDE ION'
5 water water
#
_entity_poly.entity_id   1
_entity_poly.type   'polypeptide(L)'
_entity_poly.pdbx_seq_one_letter_code
;KKYFMSSVRRMPLNRAKALCSELQGTVATPRNAEENRAIQNVAKDVAFLGITDQRTENVFEDLTGNRVRYTNWNEGEPNN
VGSGENCVVLLTNGKWNDVPCSDSFLVVCEFSD
;
_entity_poly.pdbx_strand_id   1,2
#
loop_
_chem_comp.id
_chem_comp.type
_chem_comp.name
_chem_comp.formula
CA non-polymer 'CALCIUM ION' 'Ca 2'
CL non-polymer 'CHLORIDE ION' 'Cl -1'
MFU L-saccharide 'methyl alpha-L-fucopyranoside' 'C7 H14 O5'
#
# COMPACT_ATOMS: atom_id res chain seq x y z
N LYS A 2 6.91 4.99 -11.78
CA LYS A 2 6.20 5.17 -10.47
C LYS A 2 4.75 4.74 -10.62
N TYR A 3 4.28 4.11 -9.57
CA TYR A 3 2.87 3.68 -9.46
C TYR A 3 2.28 4.48 -8.32
N PHE A 4 1.09 4.99 -8.52
CA PHE A 4 0.43 5.80 -7.49
C PHE A 4 -0.86 5.14 -7.02
N MET A 5 -1.07 5.09 -5.70
CA MET A 5 -2.28 4.49 -5.13
C MET A 5 -2.81 5.44 -4.06
N SER A 6 -4.13 5.59 -4.01
CA SER A 6 -4.75 6.49 -3.02
C SER A 6 -5.37 5.69 -1.90
N SER A 7 -5.38 6.29 -0.71
CA SER A 7 -6.00 5.69 0.45
C SER A 7 -7.49 5.97 0.31
N VAL A 8 -8.29 5.30 1.13
CA VAL A 8 -9.72 5.53 1.10
C VAL A 8 -10.11 6.37 2.30
N ARG A 9 -9.32 6.28 3.37
CA ARG A 9 -9.60 7.03 4.59
C ARG A 9 -8.63 8.20 4.74
N ARG A 10 -9.02 9.18 5.54
CA ARG A 10 -8.20 10.34 5.81
C ARG A 10 -7.37 10.09 7.07
N MET A 11 -6.21 10.73 7.17
CA MET A 11 -5.33 10.59 8.31
C MET A 11 -4.24 11.68 8.28
N PRO A 12 -3.62 11.98 9.43
CA PRO A 12 -2.57 13.00 9.50
C PRO A 12 -1.31 12.51 8.78
N LEU A 13 -0.39 13.42 8.52
CA LEU A 13 0.84 13.07 7.79
C LEU A 13 1.64 11.92 8.40
N ASN A 14 1.82 11.92 9.73
CA ASN A 14 2.59 10.84 10.35
C ASN A 14 2.03 9.46 10.03
N ARG A 15 0.71 9.33 10.10
CA ARG A 15 0.06 8.07 9.79
C ARG A 15 0.12 7.79 8.28
N ALA A 16 0.05 8.84 7.46
CA ALA A 16 0.12 8.71 6.00
C ALA A 16 1.49 8.16 5.60
N LYS A 17 2.54 8.73 6.19
CA LYS A 17 3.91 8.27 5.95
C LYS A 17 4.03 6.80 6.37
N ALA A 18 3.45 6.45 7.52
CA ALA A 18 3.52 5.08 8.01
C ALA A 18 2.85 4.12 7.04
N LEU A 19 1.72 4.53 6.50
CA LEU A 19 0.99 3.68 5.56
C LEU A 19 1.82 3.37 4.29
N CYS A 20 2.31 4.41 3.63
CA CYS A 20 3.09 4.20 2.40
C CYS A 20 4.36 3.41 2.68
N SER A 21 5.00 3.74 3.81
CA SER A 21 6.22 3.06 4.23
C SER A 21 6.01 1.59 4.54
N GLU A 22 4.82 1.26 5.03
CA GLU A 22 4.49 -0.12 5.35
C GLU A 22 4.60 -1.01 4.11
N LEU A 23 4.24 -0.48 2.94
CA LEU A 23 4.35 -1.26 1.71
C LEU A 23 5.59 -0.89 0.93
N GLN A 24 6.56 -0.34 1.64
CA GLN A 24 7.85 0.06 1.08
C GLN A 24 7.80 1.12 -0.02
N GLY A 25 6.88 2.07 0.16
CA GLY A 25 6.75 3.18 -0.75
C GLY A 25 6.89 4.45 0.08
N THR A 26 6.51 5.59 -0.49
CA THR A 26 6.54 6.86 0.21
C THR A 26 5.34 7.68 -0.24
N VAL A 27 5.04 8.74 0.49
CA VAL A 27 3.94 9.63 0.14
C VAL A 27 4.34 10.27 -1.21
N ALA A 28 3.41 10.28 -2.15
CA ALA A 28 3.63 10.81 -3.50
C ALA A 28 4.18 12.23 -3.61
N THR A 29 5.24 12.37 -4.41
CA THR A 29 5.87 13.65 -4.64
C THR A 29 5.94 13.87 -6.18
N PRO A 30 5.04 14.70 -6.73
CA PRO A 30 5.08 14.92 -8.18
C PRO A 30 6.34 15.71 -8.56
N ARG A 31 7.06 15.23 -9.57
CA ARG A 31 8.30 15.88 -10.00
C ARG A 31 8.10 16.75 -11.26
N ASN A 32 6.91 16.65 -11.85
CA ASN A 32 6.56 17.41 -13.04
C ASN A 32 5.04 17.41 -13.15
N ALA A 33 4.53 18.14 -14.14
CA ALA A 33 3.09 18.27 -14.39
C ALA A 33 2.38 16.96 -14.73
N GLU A 34 3.11 16.03 -15.34
CA GLU A 34 2.52 14.75 -15.74
C GLU A 34 2.25 13.91 -14.49
N GLU A 35 3.23 13.86 -13.59
CA GLU A 35 3.07 13.11 -12.36
C GLU A 35 2.02 13.78 -11.49
N ASN A 36 1.96 15.11 -11.53
CA ASN A 36 0.97 15.83 -10.73
C ASN A 36 -0.45 15.41 -11.13
N ARG A 37 -0.69 15.33 -12.44
CA ARG A 37 -2.00 14.94 -12.97
C ARG A 37 -2.35 13.49 -12.59
N ALA A 38 -1.38 12.59 -12.70
CA ALA A 38 -1.58 11.20 -12.35
C ALA A 38 -2.02 11.04 -10.89
N ILE A 39 -1.37 11.77 -9.99
CA ILE A 39 -1.70 11.72 -8.55
C ILE A 39 -3.11 12.32 -8.32
N GLN A 40 -3.39 13.43 -9.00
CA GLN A 40 -4.67 14.10 -8.89
C GLN A 40 -5.78 13.11 -9.25
N ASN A 41 -5.55 12.40 -10.35
CA ASN A 41 -6.49 11.42 -10.86
C ASN A 41 -6.78 10.25 -9.93
N VAL A 42 -5.76 9.79 -9.21
CA VAL A 42 -5.96 8.66 -8.29
C VAL A 42 -6.61 9.15 -6.99
N ALA A 43 -6.37 10.40 -6.66
CA ALA A 43 -6.93 11.00 -5.44
C ALA A 43 -8.37 11.44 -5.69
N LYS A 44 -9.30 10.95 -4.87
CA LYS A 44 -10.71 11.32 -5.03
C LYS A 44 -11.10 12.59 -4.26
N ASP A 45 -10.17 13.09 -3.47
CA ASP A 45 -10.41 14.29 -2.67
C ASP A 45 -9.01 14.83 -2.33
N VAL A 46 -8.98 15.92 -1.58
CA VAL A 46 -7.72 16.53 -1.16
C VAL A 46 -6.82 15.47 -0.49
N ALA A 47 -5.57 15.37 -0.96
CA ALA A 47 -4.66 14.37 -0.43
C ALA A 47 -3.25 14.90 -0.19
N PHE A 48 -2.60 14.36 0.83
CA PHE A 48 -1.24 14.73 1.20
C PHE A 48 -0.23 14.36 0.10
N LEU A 49 0.83 15.16 0.00
CA LEU A 49 1.94 14.91 -0.90
C LEU A 49 3.16 14.75 0.01
N GLY A 50 4.21 14.07 -0.47
CA GLY A 50 5.41 13.87 0.33
C GLY A 50 6.35 15.05 0.30
N ILE A 51 5.84 16.22 0.69
CA ILE A 51 6.63 17.45 0.68
C ILE A 51 6.34 18.24 1.97
N THR A 52 7.39 18.77 2.59
CA THR A 52 7.18 19.57 3.80
C THR A 52 8.26 20.64 3.89
N ASP A 53 8.02 21.63 4.74
CA ASP A 53 9.03 22.63 5.02
C ASP A 53 9.27 22.60 6.53
N GLN A 54 9.18 21.41 7.10
CA GLN A 54 9.39 21.27 8.54
C GLN A 54 10.82 21.62 8.99
N ARG A 55 11.82 21.24 8.19
CA ARG A 55 13.21 21.53 8.53
C ARG A 55 13.55 23.01 8.50
N THR A 56 13.21 23.67 7.40
CA THR A 56 13.45 25.10 7.25
C THR A 56 12.19 25.72 6.64
N GLU A 57 11.65 26.72 7.32
CA GLU A 57 10.44 27.38 6.85
C GLU A 57 10.63 27.94 5.43
N ASN A 58 9.64 27.69 4.59
CA ASN A 58 9.58 28.09 3.18
C ASN A 58 10.60 27.39 2.27
N VAL A 59 11.24 26.34 2.77
CA VAL A 59 12.16 25.53 1.98
C VAL A 59 11.49 24.17 1.88
N PHE A 60 10.84 23.94 0.76
CA PHE A 60 10.12 22.69 0.56
C PHE A 60 10.93 21.54 0.01
N GLU A 61 10.91 20.43 0.72
CA GLU A 61 11.65 19.25 0.32
C GLU A 61 10.83 17.99 0.46
N ASP A 62 11.26 16.93 -0.24
CA ASP A 62 10.55 15.66 -0.16
C ASP A 62 10.85 14.97 1.16
N LEU A 63 10.24 13.82 1.42
CA LEU A 63 10.44 13.15 2.71
C LEU A 63 11.85 12.59 2.92
N THR A 64 12.70 12.71 1.90
CA THR A 64 14.08 12.23 1.99
C THR A 64 15.08 13.39 2.03
N GLY A 65 14.57 14.59 2.29
CA GLY A 65 15.43 15.77 2.38
C GLY A 65 15.84 16.45 1.08
N ASN A 66 15.35 15.96 -0.04
CA ASN A 66 15.70 16.54 -1.34
C ASN A 66 14.78 17.71 -1.64
N ARG A 67 15.38 18.86 -1.94
CA ARG A 67 14.62 20.04 -2.25
C ARG A 67 13.80 19.81 -3.51
N VAL A 68 12.55 20.25 -3.51
CA VAL A 68 11.72 20.05 -4.70
C VAL A 68 11.97 21.17 -5.70
N ARG A 69 11.86 20.84 -6.98
CA ARG A 69 12.06 21.84 -8.02
C ARG A 69 10.68 22.22 -8.57
N TYR A 70 9.97 21.24 -9.10
CA TYR A 70 8.64 21.48 -9.62
C TYR A 70 7.67 21.76 -8.47
N THR A 71 6.86 22.80 -8.60
CA THR A 71 5.83 23.12 -7.62
C THR A 71 4.61 23.52 -8.41
N ASN A 72 3.44 23.47 -7.77
CA ASN A 72 2.19 23.84 -8.44
C ASN A 72 1.27 24.48 -7.43
N TRP A 73 1.79 25.47 -6.71
CA TRP A 73 1.02 26.17 -5.68
C TRP A 73 -0.24 26.85 -6.17
N ASN A 74 -1.29 26.74 -5.37
CA ASN A 74 -2.56 27.39 -5.65
C ASN A 74 -2.25 28.87 -5.38
N GLU A 75 -2.91 29.76 -6.11
CA GLU A 75 -2.69 31.20 -5.90
C GLU A 75 -2.82 31.58 -4.43
N GLY A 76 -1.82 32.26 -3.91
CA GLY A 76 -1.82 32.69 -2.52
C GLY A 76 -1.06 31.75 -1.62
N GLU A 77 -0.64 30.62 -2.18
CA GLU A 77 0.09 29.61 -1.44
C GLU A 77 1.55 29.57 -1.87
N PRO A 78 2.47 29.13 -0.98
CA PRO A 78 2.18 28.66 0.38
C PRO A 78 2.11 29.87 1.34
N ASN A 79 1.09 29.92 2.19
CA ASN A 79 0.93 31.05 3.10
C ASN A 79 1.25 30.86 4.57
N ASN A 80 1.60 29.63 4.96
CA ASN A 80 1.94 29.27 6.35
C ASN A 80 1.01 29.94 7.37
N VAL A 81 -0.30 29.91 7.13
CA VAL A 81 -1.23 30.58 8.04
C VAL A 81 -1.36 30.05 9.46
N GLY A 82 -1.91 30.92 10.31
CA GLY A 82 -2.12 30.58 11.70
C GLY A 82 -0.80 30.32 12.40
N SER A 83 -0.75 29.24 13.17
CA SER A 83 0.46 28.89 13.89
C SER A 83 1.45 28.17 12.98
N GLY A 84 1.11 28.06 11.70
CA GLY A 84 2.01 27.40 10.76
C GLY A 84 1.41 26.22 10.00
N GLU A 85 1.86 26.09 8.75
CA GLU A 85 1.43 25.00 7.87
C GLU A 85 2.71 24.50 7.21
N ASN A 86 3.13 23.30 7.59
CA ASN A 86 4.39 22.75 7.08
C ASN A 86 4.25 21.49 6.24
N CYS A 87 3.02 21.09 5.96
CA CYS A 87 2.76 19.94 5.13
C CYS A 87 2.07 20.41 3.86
N VAL A 88 1.93 19.55 2.87
CA VAL A 88 1.34 19.96 1.60
C VAL A 88 0.29 18.98 1.09
N VAL A 89 -0.80 19.54 0.58
CA VAL A 89 -1.87 18.74 0.00
C VAL A 89 -2.13 19.15 -1.44
N LEU A 90 -2.58 18.18 -2.21
CA LEU A 90 -2.95 18.38 -3.60
C LEU A 90 -4.47 18.54 -3.60
N LEU A 91 -4.91 19.73 -4.00
CA LEU A 91 -6.33 20.07 -4.08
C LEU A 91 -7.01 19.31 -5.24
N THR A 92 -8.35 19.30 -5.27
CA THR A 92 -9.09 18.60 -6.32
C THR A 92 -8.90 19.19 -7.73
N ASN A 93 -8.28 20.37 -7.83
CA ASN A 93 -8.00 20.97 -9.12
C ASN A 93 -6.52 20.80 -9.47
N GLY A 94 -5.80 20.04 -8.65
CA GLY A 94 -4.39 19.79 -8.91
C GLY A 94 -3.37 20.77 -8.37
N LYS A 95 -3.80 21.91 -7.87
CA LYS A 95 -2.89 22.92 -7.30
C LYS A 95 -2.61 22.49 -5.86
N TRP A 96 -1.54 23.02 -5.29
CA TRP A 96 -1.15 22.66 -3.93
C TRP A 96 -1.46 23.72 -2.88
N ASN A 97 -1.71 23.25 -1.66
CA ASN A 97 -1.94 24.13 -0.52
C ASN A 97 -1.11 23.61 0.65
N ASP A 98 -0.42 24.51 1.35
CA ASP A 98 0.32 24.10 2.54
C ASP A 98 -0.70 24.03 3.69
N VAL A 99 -0.61 23.00 4.52
CA VAL A 99 -1.56 22.82 5.61
C VAL A 99 -0.85 22.28 6.85
N PRO A 100 -1.53 22.29 8.01
CA PRO A 100 -0.92 21.78 9.24
C PRO A 100 -0.72 20.27 9.07
N CYS A 101 0.47 19.77 9.41
CA CYS A 101 0.77 18.36 9.31
C CYS A 101 -0.13 17.51 10.20
N SER A 102 -0.69 18.13 11.22
CA SER A 102 -1.57 17.44 12.16
C SER A 102 -2.99 17.26 11.64
N ASP A 103 -3.34 17.96 10.56
CA ASP A 103 -4.67 17.81 9.97
C ASP A 103 -4.81 16.49 9.18
N SER A 104 -6.04 16.06 8.94
CA SER A 104 -6.28 14.79 8.25
C SER A 104 -6.81 14.92 6.83
N PHE A 105 -6.16 14.21 5.92
CA PHE A 105 -6.51 14.21 4.51
C PHE A 105 -6.24 12.82 3.95
N LEU A 106 -6.68 12.57 2.72
CA LEU A 106 -6.38 11.28 2.10
C LEU A 106 -4.87 11.29 1.84
N VAL A 107 -4.32 10.15 1.47
CA VAL A 107 -2.91 10.06 1.15
C VAL A 107 -2.72 9.30 -0.15
N VAL A 108 -1.79 9.77 -0.98
CA VAL A 108 -1.48 9.06 -2.21
C VAL A 108 -0.04 8.58 -2.00
N CYS A 109 0.15 7.27 -2.12
CA CYS A 109 1.46 6.64 -1.97
C CYS A 109 2.05 6.44 -3.37
N GLU A 110 3.37 6.44 -3.43
CA GLU A 110 4.09 6.28 -4.68
C GLU A 110 5.06 5.11 -4.53
N PHE A 111 5.12 4.24 -5.53
CA PHE A 111 5.99 3.06 -5.52
C PHE A 111 6.74 3.00 -6.84
N SER A 112 7.92 2.41 -6.83
CA SER A 112 8.74 2.28 -8.03
C SER A 112 8.51 0.95 -8.72
N LYS B 1 -1.18 -4.07 -15.79
CA LYS B 1 -0.55 -5.32 -15.28
C LYS B 1 -0.75 -5.32 -13.77
N LYS B 2 -0.44 -6.42 -13.15
CA LYS B 2 -0.52 -6.49 -11.69
C LYS B 2 0.83 -6.09 -11.12
N TYR B 3 0.76 -5.33 -10.04
CA TYR B 3 1.96 -4.91 -9.32
C TYR B 3 1.85 -5.48 -7.92
N PHE B 4 2.96 -5.96 -7.40
CA PHE B 4 2.98 -6.56 -6.06
C PHE B 4 3.96 -5.80 -5.15
N MET B 5 3.51 -5.60 -3.92
CA MET B 5 4.30 -4.91 -2.88
C MET B 5 4.20 -5.69 -1.57
N SER B 6 5.31 -5.81 -0.87
CA SER B 6 5.36 -6.54 0.39
C SER B 6 5.35 -5.59 1.57
N SER B 7 4.71 -6.04 2.65
CA SER B 7 4.67 -5.27 3.87
C SER B 7 6.01 -5.45 4.57
N VAL B 8 6.21 -4.63 5.59
CA VAL B 8 7.41 -4.65 6.40
C VAL B 8 7.12 -5.43 7.68
N ARG B 9 5.93 -5.23 8.25
CA ARG B 9 5.58 -5.93 9.48
C ARG B 9 4.72 -7.15 9.21
N ARG B 10 4.56 -7.99 10.22
CA ARG B 10 3.79 -9.22 10.13
C ARG B 10 2.45 -8.97 10.81
N MET B 11 1.42 -9.65 10.33
CA MET B 11 0.08 -9.48 10.88
C MET B 11 -0.82 -10.62 10.42
N PRO B 12 -1.93 -10.84 11.13
CA PRO B 12 -2.88 -11.92 10.79
C PRO B 12 -3.63 -11.54 9.50
N LEU B 13 -4.28 -12.51 8.87
CA LEU B 13 -4.95 -12.24 7.59
C LEU B 13 -5.95 -11.09 7.55
N ASN B 14 -6.80 -10.96 8.56
CA ASN B 14 -7.77 -9.86 8.55
C ASN B 14 -7.09 -8.49 8.51
N ARG B 15 -5.97 -8.35 9.19
CA ARG B 15 -5.21 -7.10 9.19
C ARG B 15 -4.53 -6.91 7.84
N ALA B 16 -4.10 -8.03 7.25
CA ALA B 16 -3.44 -8.01 5.94
C ALA B 16 -4.45 -7.51 4.91
N LYS B 17 -5.67 -8.02 5.00
CA LYS B 17 -6.74 -7.61 4.11
C LYS B 17 -6.99 -6.12 4.24
N ALA B 18 -7.08 -5.63 5.48
CA ALA B 18 -7.31 -4.22 5.75
C ALA B 18 -6.18 -3.33 5.20
N LEU B 19 -4.94 -3.80 5.32
CA LEU B 19 -3.82 -3.03 4.81
C LEU B 19 -3.91 -2.86 3.28
N CYS B 20 -4.05 -3.96 2.56
CA CYS B 20 -4.14 -3.91 1.11
C CYS B 20 -5.34 -3.09 0.63
N SER B 21 -6.49 -3.29 1.28
CA SER B 21 -7.71 -2.54 0.92
C SER B 21 -7.56 -1.04 1.21
N GLU B 22 -6.74 -0.68 2.18
CA GLU B 22 -6.54 0.73 2.50
C GLU B 22 -6.05 1.50 1.27
N LEU B 23 -5.23 0.87 0.45
CA LEU B 23 -4.72 1.47 -0.78
C LEU B 23 -5.46 0.94 -2.01
N GLN B 24 -6.66 0.42 -1.76
CA GLN B 24 -7.53 -0.11 -2.81
C GLN B 24 -6.96 -1.29 -3.59
N GLY B 25 -6.19 -2.12 -2.90
CA GLY B 25 -5.62 -3.32 -3.50
C GLY B 25 -6.20 -4.52 -2.79
N THR B 26 -5.63 -5.69 -3.02
CA THR B 26 -6.09 -6.91 -2.38
C THR B 26 -4.86 -7.73 -2.00
N VAL B 27 -5.05 -8.77 -1.19
CA VAL B 27 -3.95 -9.64 -0.80
C VAL B 27 -3.61 -10.44 -2.06
N ALA B 28 -2.32 -10.44 -2.41
CA ALA B 28 -1.85 -11.12 -3.63
C ALA B 28 -2.32 -12.56 -3.82
N THR B 29 -2.88 -12.81 -5.00
CA THR B 29 -3.38 -14.12 -5.40
C THR B 29 -2.77 -14.49 -6.76
N PRO B 30 -1.71 -15.31 -6.74
CA PRO B 30 -1.06 -15.71 -8.00
C PRO B 30 -1.98 -16.58 -8.83
N ARG B 31 -2.13 -16.24 -10.10
CA ARG B 31 -2.99 -16.99 -11.03
C ARG B 31 -2.20 -17.94 -11.92
N ASN B 32 -0.88 -17.88 -11.82
CA ASN B 32 0.01 -18.73 -12.61
C ASN B 32 1.43 -18.65 -12.03
N ALA B 33 2.35 -19.43 -12.59
CA ALA B 33 3.74 -19.47 -12.12
C ALA B 33 4.50 -18.16 -12.24
N GLU B 34 4.20 -17.37 -13.28
CA GLU B 34 4.88 -16.10 -13.50
C GLU B 34 4.55 -15.15 -12.34
N GLU B 35 3.27 -15.08 -11.98
CA GLU B 35 2.82 -14.24 -10.89
C GLU B 35 3.37 -14.78 -9.57
N ASN B 36 3.43 -16.11 -9.44
CA ASN B 36 3.93 -16.71 -8.21
C ASN B 36 5.38 -16.28 -7.99
N ARG B 37 6.15 -16.28 -9.08
CA ARG B 37 7.54 -15.85 -9.04
C ARG B 37 7.67 -14.35 -8.80
N ALA B 38 6.72 -13.56 -9.30
CA ALA B 38 6.75 -12.11 -9.10
C ALA B 38 6.56 -11.79 -7.61
N ILE B 39 5.69 -12.57 -6.96
CA ILE B 39 5.42 -12.39 -5.56
C ILE B 39 6.67 -12.81 -4.76
N GLN B 40 7.29 -13.91 -5.20
CA GLN B 40 8.53 -14.40 -4.58
C GLN B 40 9.59 -13.29 -4.57
N ASN B 41 9.70 -12.58 -5.69
CA ASN B 41 10.67 -11.49 -5.81
C ASN B 41 10.51 -10.40 -4.77
N VAL B 42 9.28 -10.13 -4.33
CA VAL B 42 9.05 -9.06 -3.35
C VAL B 42 8.95 -9.51 -1.89
N ALA B 43 8.62 -10.78 -1.68
CA ALA B 43 8.50 -11.34 -0.33
C ALA B 43 9.84 -11.84 0.19
N LYS B 44 10.39 -11.14 1.18
CA LYS B 44 11.68 -11.54 1.76
C LYS B 44 11.54 -12.65 2.80
N ASP B 45 10.31 -12.96 3.18
CA ASP B 45 10.07 -14.03 4.15
C ASP B 45 8.67 -14.55 3.87
N VAL B 46 8.27 -15.60 4.58
CA VAL B 46 6.95 -16.23 4.42
C VAL B 46 5.87 -15.13 4.45
N ALA B 47 4.98 -15.16 3.46
CA ALA B 47 3.96 -14.13 3.37
C ALA B 47 2.58 -14.64 2.96
N PHE B 48 1.55 -14.00 3.46
CA PHE B 48 0.16 -14.36 3.15
C PHE B 48 -0.19 -14.14 1.66
N LEU B 49 -1.05 -15.02 1.17
CA LEU B 49 -1.60 -14.95 -0.18
C LEU B 49 -3.12 -14.79 0.06
N GLY B 50 -3.83 -14.20 -0.90
CA GLY B 50 -5.26 -14.00 -0.75
C GLY B 50 -6.09 -15.22 -1.10
N ILE B 51 -5.86 -16.31 -0.36
CA ILE B 51 -6.55 -17.57 -0.62
C ILE B 51 -6.95 -18.24 0.70
N THR B 52 -8.16 -18.79 0.77
CA THR B 52 -8.59 -19.48 1.99
C THR B 52 -9.58 -20.59 1.65
N ASP B 53 -9.73 -21.56 2.55
CA ASP B 53 -10.71 -22.61 2.38
C ASP B 53 -11.65 -22.49 3.59
N GLN B 54 -11.87 -21.25 3.99
CA GLN B 54 -12.73 -20.94 5.11
C GLN B 54 -14.20 -21.35 4.84
N ARG B 55 -14.68 -21.20 3.61
CA ARG B 55 -16.07 -21.56 3.30
C ARG B 55 -16.29 -23.06 3.42
N THR B 56 -15.56 -23.85 2.65
CA THR B 56 -15.65 -25.30 2.68
C THR B 56 -14.24 -25.83 2.74
N GLU B 57 -13.96 -26.66 3.75
CA GLU B 57 -12.64 -27.24 3.92
C GLU B 57 -12.17 -27.93 2.65
N ASN B 58 -10.94 -27.62 2.27
CA ASN B 58 -10.26 -28.16 1.09
C ASN B 58 -10.77 -27.63 -0.25
N VAL B 59 -11.52 -26.57 -0.19
CA VAL B 59 -11.98 -25.85 -1.40
C VAL B 59 -11.43 -24.44 -1.27
N PHE B 60 -10.36 -24.18 -1.99
CA PHE B 60 -9.65 -22.90 -1.89
C PHE B 60 -10.18 -21.87 -2.87
N GLU B 61 -10.47 -20.71 -2.28
CA GLU B 61 -10.99 -19.56 -3.01
C GLU B 61 -10.18 -18.31 -2.71
N ASP B 62 -10.22 -17.35 -3.63
CA ASP B 62 -9.55 -16.09 -3.38
C ASP B 62 -10.43 -15.30 -2.38
N LEU B 63 -10.00 -14.12 -1.97
CA LEU B 63 -10.76 -13.36 -0.98
C LEU B 63 -12.13 -12.88 -1.45
N THR B 64 -12.39 -12.96 -2.75
CA THR B 64 -13.70 -12.56 -3.27
C THR B 64 -14.60 -13.78 -3.45
N GLY B 65 -14.19 -14.93 -2.92
CA GLY B 65 -15.00 -16.14 -3.03
C GLY B 65 -14.94 -16.83 -4.38
N ASN B 66 -13.92 -16.53 -5.15
CA ASN B 66 -13.76 -17.12 -6.46
C ASN B 66 -12.80 -18.31 -6.31
N ARG B 67 -13.28 -19.51 -6.61
CA ARG B 67 -12.49 -20.73 -6.50
C ARG B 67 -11.22 -20.65 -7.36
N VAL B 68 -10.06 -20.87 -6.73
CA VAL B 68 -8.80 -20.78 -7.48
C VAL B 68 -8.55 -21.97 -8.36
N ARG B 69 -7.76 -21.76 -9.40
CA ARG B 69 -7.41 -22.82 -10.33
C ARG B 69 -5.94 -23.20 -10.06
N TYR B 70 -5.02 -22.29 -10.32
CA TYR B 70 -3.60 -22.54 -10.11
C TYR B 70 -3.25 -22.67 -8.62
N THR B 71 -2.51 -23.72 -8.27
CA THR B 71 -2.03 -23.90 -6.91
C THR B 71 -0.58 -24.33 -6.99
N ASN B 72 0.18 -24.12 -5.92
CA ASN B 72 1.60 -24.50 -5.89
C ASN B 72 1.96 -24.98 -4.49
N TRP B 73 1.16 -25.92 -4.00
CA TRP B 73 1.33 -26.46 -2.65
C TRP B 73 2.68 -27.12 -2.41
N ASN B 74 3.24 -26.86 -1.23
CA ASN B 74 4.50 -27.49 -0.84
C ASN B 74 4.16 -28.96 -0.65
N GLU B 75 5.12 -29.85 -0.79
CA GLU B 75 4.85 -31.28 -0.62
C GLU B 75 4.28 -31.54 0.77
N GLY B 76 3.16 -32.25 0.83
CA GLY B 76 2.52 -32.55 2.10
C GLY B 76 1.41 -31.57 2.45
N GLU B 77 1.30 -30.51 1.66
CA GLU B 77 0.28 -29.48 1.88
C GLU B 77 -0.79 -29.58 0.80
N PRO B 78 -2.03 -29.15 1.09
CA PRO B 78 -2.49 -28.57 2.36
C PRO B 78 -2.84 -29.70 3.34
N ASN B 79 -2.36 -29.58 4.57
CA ASN B 79 -2.61 -30.63 5.56
C ASN B 79 -3.58 -30.32 6.69
N ASN B 80 -4.08 -29.09 6.72
CA ASN B 80 -5.06 -28.65 7.72
C ASN B 80 -4.77 -29.13 9.15
N VAL B 81 -3.54 -28.89 9.63
CA VAL B 81 -3.17 -29.34 10.97
C VAL B 81 -3.98 -28.75 12.12
N GLY B 82 -4.09 -29.55 13.17
CA GLY B 82 -4.77 -29.16 14.40
C GLY B 82 -6.19 -28.67 14.26
N SER B 83 -6.48 -27.58 14.98
CA SER B 83 -7.80 -26.97 14.96
C SER B 83 -8.13 -26.39 13.59
N GLY B 84 -7.20 -26.51 12.65
CA GLY B 84 -7.42 -26.03 11.31
C GLY B 84 -6.46 -24.92 10.87
N GLU B 85 -6.18 -25.01 9.58
CA GLU B 85 -5.37 -24.05 8.82
C GLU B 85 -6.17 -23.73 7.57
N ASN B 86 -6.73 -22.52 7.55
CA ASN B 86 -7.63 -22.14 6.47
C ASN B 86 -7.13 -20.95 5.63
N CYS B 87 -5.92 -20.50 5.91
CA CYS B 87 -5.33 -19.41 5.15
C CYS B 87 -4.11 -19.99 4.47
N VAL B 88 -3.49 -19.22 3.59
CA VAL B 88 -2.37 -19.71 2.82
C VAL B 88 -1.21 -18.70 2.78
N VAL B 89 0.02 -19.22 2.87
CA VAL B 89 1.22 -18.39 2.78
C VAL B 89 2.14 -18.94 1.70
N LEU B 90 2.95 -18.04 1.15
CA LEU B 90 3.95 -18.38 0.14
C LEU B 90 5.26 -18.54 0.92
N LEU B 91 5.75 -19.77 0.95
CA LEU B 91 7.02 -20.10 1.63
C LEU B 91 8.18 -19.44 0.88
N THR B 92 9.37 -19.41 1.50
CA THR B 92 10.52 -18.78 0.84
C THR B 92 11.04 -19.52 -0.41
N ASN B 93 10.52 -20.71 -0.67
CA ASN B 93 10.91 -21.46 -1.86
C ASN B 93 9.82 -21.32 -2.93
N GLY B 94 8.82 -20.48 -2.68
CA GLY B 94 7.75 -20.27 -3.63
C GLY B 94 6.55 -21.19 -3.51
N LYS B 95 6.70 -22.30 -2.80
CA LYS B 95 5.60 -23.24 -2.61
C LYS B 95 4.68 -22.72 -1.53
N TRP B 96 3.46 -23.25 -1.49
CA TRP B 96 2.47 -22.80 -0.52
C TRP B 96 2.28 -23.71 0.68
N ASN B 97 1.84 -23.11 1.78
CA ASN B 97 1.53 -23.87 2.99
C ASN B 97 0.21 -23.31 3.55
N ASP B 98 -0.70 -24.19 3.96
CA ASP B 98 -1.92 -23.70 4.59
C ASP B 98 -1.57 -23.43 6.06
N VAL B 99 -2.05 -22.31 6.60
CA VAL B 99 -1.73 -21.94 7.97
C VAL B 99 -2.95 -21.36 8.68
N PRO B 100 -2.89 -21.24 10.02
CA PRO B 100 -4.03 -20.66 10.73
C PRO B 100 -4.17 -19.19 10.34
N CYS B 101 -5.38 -18.76 10.02
CA CYS B 101 -5.63 -17.38 9.64
C CYS B 101 -5.26 -16.39 10.75
N SER B 102 -5.23 -16.87 11.99
CA SER B 102 -4.89 -16.01 13.11
C SER B 102 -3.38 -15.82 13.34
N ASP B 103 -2.55 -16.58 12.63
CA ASP B 103 -1.09 -16.44 12.79
C ASP B 103 -0.60 -15.23 11.98
N SER B 104 0.54 -14.67 12.36
CA SER B 104 1.05 -13.49 11.67
C SER B 104 2.19 -13.75 10.69
N PHE B 105 2.12 -13.11 9.53
CA PHE B 105 3.13 -13.26 8.48
C PHE B 105 3.18 -11.93 7.72
N LEU B 106 4.20 -11.75 6.89
CA LEU B 106 4.26 -10.54 6.07
C LEU B 106 3.07 -10.69 5.11
N VAL B 107 2.75 -9.64 4.38
CA VAL B 107 1.65 -9.68 3.45
C VAL B 107 2.09 -9.05 2.15
N VAL B 108 1.72 -9.67 1.04
CA VAL B 108 2.03 -9.10 -0.25
C VAL B 108 0.67 -8.62 -0.81
N CYS B 109 0.61 -7.34 -1.16
CA CYS B 109 -0.58 -6.75 -1.73
C CYS B 109 -0.43 -6.71 -3.24
N GLU B 110 -1.57 -6.76 -3.91
CA GLU B 110 -1.64 -6.77 -5.35
C GLU B 110 -2.50 -5.59 -5.83
N PHE B 111 -2.03 -4.92 -6.87
CA PHE B 111 -2.73 -3.78 -7.45
C PHE B 111 -2.64 -3.91 -8.96
N SER B 112 -3.60 -3.34 -9.69
CA SER B 112 -3.56 -3.41 -11.14
C SER B 112 -4.02 -2.10 -11.78
C1 MFU C . -6.33 29.22 3.29
C2 MFU C . -5.30 28.12 3.13
C3 MFU C . -5.05 27.42 4.45
C4 MFU C . -6.39 26.87 4.97
C5 MFU C . -7.42 28.00 5.06
C6 MFU C . -8.81 27.49 5.45
O1 MFU C . -5.82 30.24 4.11
O2 MFU C . -4.07 28.67 2.67
O3 MFU C . -4.14 26.36 4.25
O4 MFU C . -6.83 25.86 4.09
O5 MFU C . -7.55 28.68 3.80
CM MFU C . -6.56 31.48 4.10
CA CA D . 5.50 26.31 6.58
CA CA E . -2.02 27.37 3.14
CL CL F . 2.47 22.01 10.37
C1 MFU G . 3.71 -28.31 8.92
C2 MFU G . 2.81 -27.30 8.20
C3 MFU G . 1.98 -26.53 9.20
C4 MFU G . 2.90 -25.85 10.23
C5 MFU G . 3.80 -26.89 10.89
C6 MFU G . 4.84 -26.27 11.82
O1 MFU G . 2.92 -29.31 9.49
O2 MFU G . 1.94 -28.01 7.32
O3 MFU G . 1.21 -25.55 8.52
O4 MFU G . 3.69 -24.85 9.61
O5 MFU G . 4.53 -27.66 9.90
CM MFU G . 3.67 -30.44 10.00
CA CA H . -8.32 -25.77 5.87
CA CA I . -0.07 -26.75 6.64
#